data_3IA8
#
_entry.id   3IA8
#
_cell.length_a   41.933
_cell.length_b   74.694
_cell.length_c   103.064
_cell.angle_alpha   90.000
_cell.angle_beta   90.000
_cell.angle_gamma   90.000
#
_symmetry.space_group_name_H-M   'P 21 21 21'
#
loop_
_entity.id
_entity.type
_entity.pdbx_description
1 polymer 'THAP domain-containing protein 4'
2 non-polymer 'PROTOPORPHYRIN IX CONTAINING FE'
3 water water
#
_entity_poly.entity_id   1
_entity_poly.type   'polypeptide(L)'
_entity_poly.pdbx_seq_one_letter_code
;PPK(MSE)NPVVEPLSW(MSE)LGTWLSDPPGAGTYPTLQPFQYLEEVHISHVGQP(MSE)LNFSFNSFHPDTRKP
(MSE)HRECGFIRLKPDTNKVAFVSAQNTGVVEVEEGEVNGQELCIASHSIARISFAKEPHVEQITRKFRLNSEGKLEQT
VS(MSE)ATTTQP(MSE)TQHLHVTYKKVTP
;
_entity_poly.pdbx_strand_id   A,B
#
# COMPACT_ATOMS: atom_id res chain seq x y z
N PRO A 1 -6.83 -3.22 20.30
CA PRO A 1 -7.27 -4.17 21.32
C PRO A 1 -6.50 -5.50 21.32
N PRO A 2 -6.15 -6.04 20.13
CA PRO A 2 -5.41 -7.30 20.14
C PRO A 2 -4.08 -7.11 20.87
N LYS A 3 -3.65 -8.09 21.64
CA LYS A 3 -2.34 -8.02 22.24
C LYS A 3 -1.30 -7.87 21.11
N ASN A 5 1.89 -8.57 18.97
CA ASN A 5 2.80 -9.66 18.66
C ASN A 5 4.21 -9.24 19.10
N PRO A 6 4.90 -10.12 19.85
CA PRO A 6 6.25 -9.81 20.37
C PRO A 6 7.25 -9.45 19.30
N VAL A 7 7.05 -9.95 18.09
CA VAL A 7 7.97 -9.69 16.99
C VAL A 7 8.08 -8.18 16.69
N VAL A 8 7.01 -7.44 16.92
CA VAL A 8 7.02 -6.00 16.61
C VAL A 8 7.31 -5.10 17.81
N GLU A 9 7.55 -5.70 18.98
CA GLU A 9 7.92 -4.91 20.15
C GLU A 9 9.04 -3.88 19.89
N PRO A 10 10.07 -4.25 19.12
CA PRO A 10 11.14 -3.27 18.90
C PRO A 10 10.68 -1.98 18.22
N LEU A 11 9.46 -1.98 17.68
CA LEU A 11 8.93 -0.81 17.00
C LEU A 11 7.64 -0.27 17.65
N SER A 12 7.39 -0.65 18.90
CA SER A 12 6.14 -0.31 19.57
C SER A 12 6.02 1.19 19.70
N TRP A 13 7.16 1.88 19.70
CA TRP A 13 7.20 3.34 19.84
C TRP A 13 6.63 4.07 18.63
N LEU A 15 3.76 3.09 17.17
CA LEU A 15 2.32 2.89 17.14
C LEU A 15 1.54 4.15 17.51
N GLY A 16 0.52 4.46 16.72
CA GLY A 16 -0.39 5.52 17.09
C GLY A 16 -0.95 6.22 15.88
N THR A 17 -1.80 7.22 16.14
CA THR A 17 -2.24 8.15 15.11
C THR A 17 -1.50 9.44 15.41
N TRP A 18 -0.82 9.98 14.41
CA TRP A 18 0.11 11.10 14.62
C TRP A 18 -0.24 12.21 13.65
N LEU A 19 -0.02 13.46 14.06
CA LEU A 19 -0.27 14.59 13.18
C LEU A 19 0.96 15.50 13.10
N SER A 20 1.39 15.84 11.89
CA SER A 20 2.56 16.71 11.74
C SER A 20 2.36 18.01 12.54
N ASP A 21 3.29 18.31 13.45
CA ASP A 21 3.28 19.58 14.16
C ASP A 21 4.71 19.89 14.55
N PRO A 22 5.30 20.93 13.96
CA PRO A 22 4.77 21.87 12.96
C PRO A 22 4.58 21.18 11.60
N PRO A 23 4.07 21.90 10.58
CA PRO A 23 3.91 21.22 9.29
C PRO A 23 5.22 20.57 8.85
N GLY A 24 5.12 19.51 8.07
CA GLY A 24 6.31 18.91 7.48
C GLY A 24 7.00 19.90 6.55
N ALA A 25 8.30 19.69 6.37
CA ALA A 25 9.12 20.54 5.50
C ALA A 25 9.59 19.74 4.29
N GLY A 26 9.29 20.25 3.10
CA GLY A 26 9.67 19.58 1.87
C GLY A 26 10.72 20.40 1.17
N THR A 27 11.70 19.73 0.56
CA THR A 27 12.77 20.41 -0.18
CA THR A 27 12.79 20.40 -0.14
C THR A 27 13.37 19.50 -1.24
N TYR A 28 14.12 20.11 -2.15
CA TYR A 28 14.96 19.38 -3.09
C TYR A 28 15.76 20.43 -3.87
N PRO A 29 16.94 20.06 -4.37
CA PRO A 29 17.72 21.10 -5.08
C PRO A 29 16.95 21.72 -6.24
N THR A 30 15.94 21.01 -6.75
CA THR A 30 15.16 21.45 -7.91
C THR A 30 13.85 22.15 -7.56
N LEU A 31 13.53 22.25 -6.27
CA LEU A 31 12.19 22.66 -5.82
C LEU A 31 12.25 23.86 -4.90
N GLN A 32 11.25 24.73 -4.96
CA GLN A 32 11.14 25.76 -3.94
C GLN A 32 10.77 25.03 -2.65
N PRO A 33 11.23 25.53 -1.50
CA PRO A 33 10.86 24.84 -0.25
C PRO A 33 9.35 24.86 -0.08
N PHE A 34 8.78 23.84 0.56
CA PHE A 34 7.35 23.85 0.77
C PHE A 34 7.02 23.27 2.13
N GLN A 35 5.79 23.47 2.61
CA GLN A 35 5.36 22.82 3.85
C GLN A 35 4.16 21.94 3.52
N TYR A 36 3.87 20.98 4.40
CA TYR A 36 2.70 20.13 4.21
C TYR A 36 2.19 19.62 5.55
N LEU A 37 0.91 19.28 5.61
CA LEU A 37 0.36 18.62 6.79
C LEU A 37 0.37 17.13 6.50
N GLU A 38 0.53 16.31 7.53
CA GLU A 38 0.50 14.86 7.29
C GLU A 38 -0.15 14.16 8.47
N GLU A 39 -1.04 13.21 8.17
CA GLU A 39 -1.62 12.35 9.19
C GLU A 39 -0.99 10.98 9.03
N VAL A 40 -0.44 10.45 10.11
CA VAL A 40 0.22 9.14 10.05
C VAL A 40 -0.49 8.16 10.96
N HIS A 41 -0.90 7.02 10.42
CA HIS A 41 -1.60 6.03 11.22
CA HIS A 41 -1.63 6.03 11.18
C HIS A 41 -0.80 4.75 11.18
N ILE A 42 -0.25 4.40 12.34
CA ILE A 42 0.56 3.20 12.44
C ILE A 42 -0.11 2.27 13.45
N SER A 43 -0.43 1.07 13.02
CA SER A 43 -1.36 0.23 13.79
C SER A 43 -0.99 -1.23 13.66
N HIS A 44 -1.70 -2.11 14.32
CA HIS A 44 -1.42 -3.53 14.13
C HIS A 44 -2.69 -4.28 14.44
N VAL A 45 -2.77 -5.53 13.99
CA VAL A 45 -3.96 -6.33 14.27
C VAL A 45 -3.57 -7.69 14.84
N GLY A 46 -2.43 -7.73 15.53
CA GLY A 46 -1.96 -8.97 16.13
C GLY A 46 -0.95 -9.77 15.31
N GLN A 47 -0.74 -9.41 14.06
CA GLN A 47 0.24 -10.09 13.22
C GLN A 47 1.64 -9.56 13.54
N PRO A 48 2.67 -10.26 13.06
CA PRO A 48 4.04 -9.86 13.40
C PRO A 48 4.51 -8.69 12.53
N LEU A 50 3.59 -4.15 11.55
CA LEU A 50 2.78 -2.95 11.67
C LEU A 50 2.15 -2.62 10.33
N ASN A 51 1.00 -1.95 10.37
CA ASN A 51 0.28 -1.48 9.19
C ASN A 51 0.39 0.03 9.21
N PHE A 52 0.62 0.66 8.07
CA PHE A 52 0.70 2.14 8.05
C PHE A 52 -0.06 2.80 6.89
N SER A 53 -0.55 4.02 7.16
CA SER A 53 -1.07 4.90 6.13
C SER A 53 -0.51 6.27 6.43
N PHE A 54 0.16 6.88 5.46
CA PHE A 54 0.68 8.23 5.60
C PHE A 54 -0.01 9.10 4.56
N ASN A 55 -0.78 10.09 5.00
CA ASN A 55 -1.53 10.92 4.07
C ASN A 55 -1.18 12.39 4.27
N SER A 56 -0.70 13.06 3.23
CA SER A 56 -0.33 14.46 3.31
CA SER A 56 -0.33 14.45 3.32
C SER A 56 -1.36 15.35 2.64
N PHE A 57 -1.38 16.62 3.06
CA PHE A 57 -2.35 17.60 2.58
C PHE A 57 -1.70 18.98 2.44
N HIS A 58 -2.23 19.81 1.55
CA HIS A 58 -1.75 21.17 1.40
C HIS A 58 -2.05 21.88 2.71
N PRO A 59 -1.08 22.62 3.25
CA PRO A 59 -1.26 23.23 4.57
C PRO A 59 -2.36 24.28 4.57
N ASP A 60 -2.56 24.94 3.43
CA ASP A 60 -3.56 26.01 3.37
C ASP A 60 -4.94 25.51 2.88
N THR A 61 -4.97 24.84 1.72
CA THR A 61 -6.23 24.38 1.14
C THR A 61 -6.70 23.05 1.72
N ARG A 62 -5.78 22.31 2.32
CA ARG A 62 -6.05 20.98 2.86
C ARG A 62 -6.39 19.95 1.81
N LYS A 63 -6.09 20.26 0.56
CA LYS A 63 -6.27 19.34 -0.55
C LYS A 63 -5.27 18.18 -0.41
N PRO A 64 -5.71 16.93 -0.65
CA PRO A 64 -4.80 15.77 -0.55
C PRO A 64 -3.61 15.89 -1.48
N HIS A 66 0.56 13.86 -1.37
CA HIS A 66 1.17 12.52 -1.36
C HIS A 66 0.37 11.57 -0.44
N ARG A 67 0.25 10.31 -0.83
CA ARG A 67 -0.35 9.30 0.04
C ARG A 67 0.40 7.99 -0.15
N GLU A 68 0.59 7.25 0.93
CA GLU A 68 1.20 5.94 0.79
C GLU A 68 0.67 5.02 1.88
N CYS A 69 0.85 3.73 1.68
CA CYS A 69 0.41 2.76 2.67
C CYS A 69 1.21 1.48 2.51
N GLY A 70 1.30 0.72 3.59
CA GLY A 70 2.08 -0.52 3.51
C GLY A 70 2.22 -1.19 4.85
N PHE A 71 3.34 -1.90 4.99
CA PHE A 71 3.57 -2.81 6.12
C PHE A 71 5.01 -2.72 6.55
N ILE A 72 5.26 -2.91 7.84
CA ILE A 72 6.62 -2.88 8.40
C ILE A 72 6.77 -4.19 9.15
N ARG A 73 7.63 -5.06 8.63
CA ARG A 73 7.87 -6.39 9.20
C ARG A 73 9.25 -6.45 9.86
N LEU A 74 9.44 -7.42 10.75
CA LEU A 74 10.75 -7.61 11.35
C LEU A 74 11.04 -9.11 11.37
N LYS A 75 12.31 -9.45 11.31
CA LYS A 75 12.75 -10.82 11.46
C LYS A 75 12.65 -11.10 12.95
N PRO A 76 11.92 -12.16 13.35
CA PRO A 76 11.62 -12.41 14.77
C PRO A 76 12.86 -12.44 15.66
N ASP A 77 12.79 -11.77 16.81
CA ASP A 77 13.89 -11.69 17.80
C ASP A 77 15.14 -10.99 17.27
N THR A 78 14.99 -10.26 16.17
CA THR A 78 16.10 -9.48 15.65
C THR A 78 15.68 -8.01 15.60
N ASN A 79 16.62 -7.14 15.25
CA ASN A 79 16.32 -5.72 15.00
C ASN A 79 16.33 -5.41 13.51
N LYS A 80 16.23 -6.45 12.70
CA LYS A 80 16.24 -6.28 11.25
C LYS A 80 14.83 -6.04 10.76
N VAL A 81 14.64 -4.97 10.01
CA VAL A 81 13.31 -4.48 9.63
C VAL A 81 13.17 -4.39 8.11
N ALA A 82 11.98 -4.67 7.61
CA ALA A 82 11.68 -4.50 6.19
C ALA A 82 10.37 -3.74 6.05
N PHE A 83 10.36 -2.79 5.11
CA PHE A 83 9.26 -1.83 4.96
C PHE A 83 8.79 -1.94 3.50
N VAL A 84 7.48 -2.10 3.28
CA VAL A 84 6.97 -2.07 1.90
C VAL A 84 5.92 -0.97 1.79
N SER A 85 5.94 -0.24 0.68
CA SER A 85 5.04 0.89 0.52
C SER A 85 4.53 0.95 -0.90
N ALA A 86 3.24 1.25 -1.04
CA ALA A 86 2.65 1.66 -2.31
C ALA A 86 2.32 3.13 -2.18
N GLN A 87 2.64 3.92 -3.21
CA GLN A 87 2.46 5.37 -3.16
C GLN A 87 1.55 5.84 -4.29
N ASN A 88 0.82 6.94 -4.05
CA ASN A 88 -0.21 7.35 -5.00
C ASN A 88 0.33 7.93 -6.30
N THR A 89 1.64 8.12 -6.34
CA THR A 89 2.35 8.50 -7.55
C THR A 89 2.44 7.32 -8.53
N GLY A 90 2.06 6.14 -8.04
CA GLY A 90 2.15 4.93 -8.84
C GLY A 90 3.50 4.30 -8.68
N VAL A 91 4.05 4.41 -7.48
CA VAL A 91 5.38 3.88 -7.20
C VAL A 91 5.28 2.92 -6.02
N VAL A 92 5.99 1.80 -6.12
CA VAL A 92 6.13 0.88 -4.98
C VAL A 92 7.60 0.69 -4.62
N GLU A 93 7.86 0.39 -3.36
CA GLU A 93 9.26 0.27 -2.94
C GLU A 93 9.37 -0.73 -1.80
N VAL A 94 10.55 -1.34 -1.68
CA VAL A 94 10.91 -2.22 -0.58
C VAL A 94 12.17 -1.62 0.02
N GLU A 95 12.13 -1.34 1.32
CA GLU A 95 13.24 -0.77 2.06
C GLU A 95 13.59 -1.68 3.22
N GLU A 96 14.88 -1.84 3.49
CA GLU A 96 15.29 -2.60 4.67
C GLU A 96 16.37 -1.90 5.48
N GLY A 97 16.53 -2.33 6.73
CA GLY A 97 17.50 -1.72 7.62
C GLY A 97 17.34 -2.28 9.00
N GLU A 98 17.48 -1.43 10.01
CA GLU A 98 17.41 -1.92 11.37
C GLU A 98 16.97 -0.84 12.33
N VAL A 99 16.44 -1.30 13.46
CA VAL A 99 16.05 -0.43 14.58
C VAL A 99 17.04 -0.60 15.74
N ASN A 100 17.49 0.53 16.26
CA ASN A 100 18.34 0.54 17.43
C ASN A 100 17.79 1.57 18.39
N GLY A 101 17.37 1.10 19.56
CA GLY A 101 16.74 1.98 20.53
C GLY A 101 15.45 2.45 19.89
N GLN A 102 15.21 3.75 19.88
CA GLN A 102 14.01 4.26 19.24
C GLN A 102 14.32 4.98 17.95
N GLU A 103 15.23 4.42 17.15
CA GLU A 103 15.55 4.96 15.85
C GLU A 103 15.59 3.85 14.80
N LEU A 104 14.79 4.03 13.76
CA LEU A 104 14.73 3.10 12.65
C LEU A 104 15.36 3.75 11.40
N CYS A 105 16.31 3.05 10.79
CA CYS A 105 16.99 3.57 9.60
C CYS A 105 16.85 2.51 8.50
N ILE A 106 16.22 2.88 7.40
CA ILE A 106 15.98 1.94 6.31
C ILE A 106 16.34 2.55 4.95
N ALA A 107 16.63 1.69 3.99
CA ALA A 107 17.00 2.15 2.66
C ALA A 107 16.39 1.26 1.60
N SER A 108 15.93 1.86 0.50
CA SER A 108 15.31 1.07 -0.57
C SER A 108 16.35 0.16 -1.23
N HIS A 109 15.93 -1.06 -1.59
CA HIS A 109 16.70 -1.89 -2.52
C HIS A 109 15.92 -2.18 -3.81
N SER A 110 14.62 -1.95 -3.79
CA SER A 110 13.77 -2.25 -4.94
C SER A 110 12.73 -1.15 -5.07
N ILE A 111 12.58 -0.61 -6.28
CA ILE A 111 11.54 0.40 -6.58
C ILE A 111 10.97 0.09 -7.95
N ALA A 112 9.64 0.14 -8.08
CA ALA A 112 9.02 -0.09 -9.38
C ALA A 112 7.94 0.95 -9.56
N ARG A 113 7.50 1.15 -10.79
CA ARG A 113 6.53 2.20 -11.03
C ARG A 113 5.62 1.88 -12.20
N ILE A 114 4.53 2.63 -12.26
CA ILE A 114 3.60 2.52 -13.38
C ILE A 114 4.22 3.15 -14.63
N SER A 115 3.77 2.69 -15.79
CA SER A 115 4.39 3.09 -17.06
C SER A 115 4.21 4.58 -17.35
N PHE A 116 3.20 5.21 -16.78
CA PHE A 116 3.00 6.65 -16.98
C PHE A 116 3.28 7.50 -15.74
N ALA A 117 4.14 7.03 -14.84
CA ALA A 117 4.52 7.80 -13.67
C ALA A 117 5.20 9.10 -14.10
N LYS A 118 4.90 10.16 -13.37
CA LYS A 118 5.44 11.50 -13.63
C LYS A 118 6.96 11.51 -13.39
N GLU A 119 7.71 12.08 -14.33
CA GLU A 119 9.15 12.24 -14.17
C GLU A 119 9.46 13.51 -13.36
N PRO A 120 10.67 13.59 -12.76
CA PRO A 120 11.75 12.58 -12.75
C PRO A 120 11.42 11.39 -11.87
N HIS A 121 11.90 10.21 -12.25
CA HIS A 121 11.70 9.01 -11.43
C HIS A 121 12.66 8.93 -10.25
N VAL A 122 12.13 8.52 -9.09
CA VAL A 122 12.99 8.25 -7.94
C VAL A 122 13.73 6.93 -8.15
N GLU A 123 15.01 6.90 -7.77
CA GLU A 123 15.85 5.73 -7.96
C GLU A 123 16.26 5.07 -6.65
N GLN A 124 16.40 5.89 -5.60
CA GLN A 124 16.78 5.39 -4.29
C GLN A 124 16.10 6.25 -3.21
N ILE A 125 15.62 5.60 -2.15
CA ILE A 125 14.99 6.32 -1.05
C ILE A 125 15.64 5.83 0.24
N THR A 126 15.86 6.72 1.20
CA THR A 126 16.27 6.33 2.53
CA THR A 126 16.24 6.31 2.54
C THR A 126 15.35 7.04 3.53
N ARG A 127 14.99 6.36 4.62
CA ARG A 127 14.19 7.01 5.64
C ARG A 127 14.78 6.77 7.00
N LYS A 128 14.60 7.74 7.87
CA LYS A 128 14.94 7.59 9.28
CA LYS A 128 14.94 7.59 9.27
C LYS A 128 13.72 7.96 10.08
N PHE A 129 13.28 7.05 10.96
CA PHE A 129 12.19 7.35 11.88
C PHE A 129 12.80 7.37 13.27
N ARG A 130 12.40 8.29 14.11
CA ARG A 130 12.83 8.21 15.50
C ARG A 130 11.85 8.85 16.47
N LEU A 131 11.87 8.38 17.71
CA LEU A 131 11.05 9.01 18.73
C LEU A 131 11.96 9.95 19.49
N ASN A 132 11.63 11.22 19.51
CA ASN A 132 12.54 12.15 20.19
C ASN A 132 12.29 12.23 21.69
N SER A 133 13.11 13.01 22.38
CA SER A 133 13.03 13.11 23.84
C SER A 133 11.72 13.67 24.38
N GLU A 134 10.92 14.31 23.54
CA GLU A 134 9.62 14.81 23.96
C GLU A 134 8.46 13.86 23.64
N GLY A 135 8.76 12.72 23.02
CA GLY A 135 7.71 11.76 22.74
C GLY A 135 7.08 12.02 21.39
N LYS A 136 7.70 12.88 20.58
CA LYS A 136 7.20 13.10 19.21
C LYS A 136 7.91 12.23 18.21
N LEU A 137 7.20 11.81 17.18
CA LEU A 137 7.77 10.95 16.15
C LEU A 137 8.40 11.84 15.08
N GLU A 138 9.58 11.45 14.59
CA GLU A 138 10.28 12.20 13.54
C GLU A 138 10.50 11.32 12.32
N GLN A 139 10.23 11.85 11.12
CA GLN A 139 10.61 11.14 9.90
C GLN A 139 11.46 12.05 9.01
N THR A 140 12.57 11.52 8.52
CA THR A 140 13.37 12.22 7.52
C THR A 140 13.52 11.32 6.30
N VAL A 141 13.21 11.84 5.13
CA VAL A 141 13.26 11.04 3.92
C VAL A 141 14.27 11.69 2.98
N SER A 142 15.17 10.88 2.44
CA SER A 142 16.08 11.32 1.40
C SER A 142 15.89 10.48 0.14
N ALA A 144 17.33 9.86 -4.24
CA ALA A 144 18.07 10.19 -5.44
C ALA A 144 17.10 9.97 -6.58
N THR A 145 17.12 10.85 -7.56
CA THR A 145 16.30 10.66 -8.74
C THR A 145 17.22 10.39 -9.91
N THR A 146 16.62 10.21 -11.08
N THR A 146 16.63 10.24 -11.09
CA THR A 146 17.40 9.95 -12.28
CA THR A 146 17.39 9.95 -12.30
C THR A 146 18.51 11.00 -12.44
C THR A 146 18.38 11.07 -12.65
N THR A 147 18.21 12.23 -12.02
CA THR A 147 19.07 13.40 -12.30
C THR A 147 19.66 14.10 -11.07
N GLN A 148 19.39 13.58 -9.88
CA GLN A 148 19.80 14.22 -8.64
C GLN A 148 20.29 13.17 -7.64
N PRO A 149 21.53 13.32 -7.16
CA PRO A 149 22.07 12.35 -6.21
C PRO A 149 21.39 12.44 -4.83
N THR A 151 19.82 13.18 -1.58
CA THR A 151 19.76 14.34 -0.73
C THR A 151 18.38 14.41 -0.06
N GLN A 152 18.27 15.22 0.99
CA GLN A 152 17.02 15.25 1.75
C GLN A 152 15.84 15.77 0.95
N HIS A 153 14.69 15.12 1.12
CA HIS A 153 13.46 15.59 0.49
C HIS A 153 12.43 16.05 1.53
N LEU A 154 12.35 15.33 2.66
CA LEU A 154 11.31 15.60 3.64
C LEU A 154 11.86 15.53 5.06
N HIS A 155 11.36 16.41 5.91
CA HIS A 155 11.55 16.28 7.35
C HIS A 155 10.31 16.73 8.10
N VAL A 156 9.84 15.88 9.01
CA VAL A 156 8.63 16.20 9.73
C VAL A 156 8.66 15.61 11.13
N THR A 157 8.08 16.32 12.08
CA THR A 157 7.89 15.77 13.40
C THR A 157 6.38 15.73 13.67
N TYR A 158 5.94 14.68 14.36
CA TYR A 158 4.52 14.45 14.60
C TYR A 158 4.17 14.35 16.09
N LYS A 159 3.03 14.96 16.43
CA LYS A 159 2.43 14.86 17.75
C LYS A 159 1.42 13.72 17.80
N LYS A 160 1.55 12.84 18.79
CA LYS A 160 0.59 11.74 18.88
C LYS A 160 -0.76 12.30 19.25
N VAL A 161 -1.78 11.97 18.48
CA VAL A 161 -3.12 12.41 18.82
C VAL A 161 -3.95 11.27 19.38
N THR A 162 -3.60 10.04 19.00
CA THR A 162 -4.39 8.86 19.37
C THR A 162 -3.47 7.68 19.63
N PRO B 1 -16.84 16.42 1.44
CA PRO B 1 -17.13 15.33 0.52
C PRO B 1 -16.65 15.70 -0.87
N PRO B 2 -15.46 15.21 -1.25
CA PRO B 2 -14.71 15.69 -2.41
C PRO B 2 -15.40 15.36 -3.73
N LYS B 3 -15.31 16.31 -4.66
CA LYS B 3 -15.75 16.12 -6.04
C LYS B 3 -15.01 14.93 -6.61
N ASN B 5 -13.01 13.17 -9.28
CA ASN B 5 -12.20 13.53 -10.43
C ASN B 5 -12.73 12.80 -11.68
N PRO B 6 -12.96 13.55 -12.78
CA PRO B 6 -13.46 12.96 -14.03
C PRO B 6 -12.59 11.82 -14.57
N VAL B 7 -11.28 11.89 -14.37
CA VAL B 7 -10.37 10.83 -14.80
C VAL B 7 -10.81 9.45 -14.27
N VAL B 8 -11.44 9.41 -13.10
CA VAL B 8 -11.81 8.12 -12.50
C VAL B 8 -13.21 7.59 -12.87
N GLU B 9 -13.97 8.36 -13.65
CA GLU B 9 -15.32 7.93 -14.03
C GLU B 9 -15.39 6.48 -14.57
N PRO B 10 -14.45 6.08 -15.47
CA PRO B 10 -14.56 4.71 -16.02
C PRO B 10 -14.44 3.60 -14.97
N LEU B 11 -13.96 3.93 -13.77
CA LEU B 11 -13.81 2.92 -12.71
C LEU B 11 -14.76 3.16 -11.54
N SER B 12 -15.70 4.09 -11.68
CA SER B 12 -16.54 4.47 -10.55
C SER B 12 -17.43 3.33 -10.05
N TRP B 13 -17.64 2.31 -10.88
CA TRP B 13 -18.44 1.15 -10.47
C TRP B 13 -17.74 0.35 -9.39
N LEU B 15 -16.32 1.75 -6.70
CA LEU B 15 -16.37 2.47 -5.43
C LEU B 15 -17.33 1.82 -4.44
N GLY B 16 -16.90 1.72 -3.19
CA GLY B 16 -17.81 1.24 -2.16
C GLY B 16 -17.07 0.47 -1.09
N THR B 17 -17.81 0.07 -0.06
CA THR B 17 -17.32 -0.88 0.91
C THR B 17 -18.00 -2.19 0.59
N TRP B 18 -17.20 -3.24 0.42
CA TRP B 18 -17.71 -4.50 -0.10
C TRP B 18 -17.35 -5.63 0.82
N LEU B 19 -18.22 -6.63 0.89
CA LEU B 19 -17.95 -7.77 1.76
C LEU B 19 -18.20 -9.08 1.02
N SER B 20 -17.28 -10.02 1.18
CA SER B 20 -17.39 -11.30 0.51
C SER B 20 -18.67 -12.04 0.92
N ASP B 21 -19.49 -12.39 -0.09
CA ASP B 21 -20.71 -13.18 0.11
C ASP B 21 -20.96 -13.91 -1.22
N PRO B 22 -20.82 -15.25 -1.23
CA PRO B 22 -20.38 -16.11 -0.13
C PRO B 22 -18.88 -15.91 0.16
N PRO B 23 -18.30 -16.71 1.06
CA PRO B 23 -16.87 -16.51 1.29
C PRO B 23 -16.01 -16.66 0.05
N GLY B 24 -14.87 -15.97 0.03
CA GLY B 24 -13.91 -16.12 -1.06
C GLY B 24 -13.46 -17.56 -1.12
N ALA B 25 -13.04 -17.99 -2.31
CA ALA B 25 -12.52 -19.33 -2.52
C ALA B 25 -11.06 -19.25 -2.89
N GLY B 26 -10.21 -19.91 -2.10
CA GLY B 26 -8.78 -19.94 -2.38
C GLY B 26 -8.34 -21.33 -2.79
N THR B 27 -7.45 -21.38 -3.77
CA THR B 27 -7.00 -22.65 -4.35
C THR B 27 -5.61 -22.48 -4.96
N TYR B 28 -4.96 -23.61 -5.22
CA TYR B 28 -3.73 -23.62 -6.00
C TYR B 28 -3.40 -25.10 -6.17
N PRO B 29 -2.66 -25.44 -7.23
CA PRO B 29 -2.42 -26.87 -7.43
C PRO B 29 -1.66 -27.50 -6.25
N THR B 30 -0.99 -26.68 -5.45
CA THR B 30 -0.22 -27.15 -4.30
C THR B 30 -0.95 -27.03 -2.97
N LEU B 31 -2.19 -26.55 -3.00
CA LEU B 31 -2.90 -26.22 -1.76
C LEU B 31 -4.20 -26.98 -1.58
N GLN B 32 -4.58 -27.25 -0.33
CA GLN B 32 -5.94 -27.73 -0.06
C GLN B 32 -6.89 -26.53 -0.22
N PRO B 33 -8.06 -26.73 -0.85
CA PRO B 33 -8.94 -25.57 -1.01
C PRO B 33 -9.39 -24.99 0.34
N PHE B 34 -9.54 -23.69 0.38
CA PHE B 34 -9.88 -23.02 1.62
C PHE B 34 -10.85 -21.91 1.31
N GLN B 35 -11.49 -21.37 2.35
CA GLN B 35 -12.36 -20.22 2.17
C GLN B 35 -11.87 -19.09 3.07
N TYR B 36 -12.31 -17.88 2.76
CA TYR B 36 -11.93 -16.71 3.54
C TYR B 36 -12.99 -15.63 3.46
N LEU B 37 -13.05 -14.78 4.48
CA LEU B 37 -13.90 -13.61 4.45
C LEU B 37 -13.00 -12.46 4.00
N GLU B 38 -13.54 -11.53 3.25
CA GLU B 38 -12.76 -10.37 2.82
C GLU B 38 -13.58 -9.09 2.84
N GLU B 39 -12.99 -8.03 3.39
CA GLU B 39 -13.59 -6.71 3.38
C GLU B 39 -12.77 -5.86 2.43
N VAL B 40 -13.47 -5.24 1.48
CA VAL B 40 -12.80 -4.48 0.43
C VAL B 40 -13.29 -3.04 0.49
N HIS B 41 -12.38 -2.10 0.69
CA HIS B 41 -12.77 -0.70 0.74
CA HIS B 41 -12.73 -0.69 0.78
C HIS B 41 -12.10 0.06 -0.39
N ILE B 42 -12.93 0.55 -1.31
CA ILE B 42 -12.43 1.25 -2.49
C ILE B 42 -13.04 2.64 -2.48
N SER B 43 -12.18 3.67 -2.46
CA SER B 43 -12.61 5.02 -2.17
C SER B 43 -11.85 6.01 -3.03
N HIS B 44 -12.18 7.30 -2.93
CA HIS B 44 -11.39 8.31 -3.57
C HIS B 44 -11.43 9.57 -2.70
N VAL B 45 -10.47 10.48 -2.89
CA VAL B 45 -10.45 11.74 -2.16
C VAL B 45 -10.28 12.87 -3.16
N GLY B 46 -10.85 12.68 -4.36
CA GLY B 46 -10.84 13.72 -5.36
C GLY B 46 -9.62 13.73 -6.25
N GLN B 47 -8.68 12.80 -6.02
CA GLN B 47 -7.53 12.70 -6.89
C GLN B 47 -7.87 11.83 -8.12
N PRO B 48 -7.00 11.82 -9.14
CA PRO B 48 -7.40 11.01 -10.30
C PRO B 48 -7.17 9.51 -10.14
N LEU B 50 -8.27 5.72 -7.55
CA LEU B 50 -9.00 5.12 -6.45
C LEU B 50 -7.99 4.66 -5.40
N ASN B 51 -8.41 4.65 -4.15
CA ASN B 51 -7.57 4.14 -3.08
C ASN B 51 -8.23 2.85 -2.64
N PHE B 52 -7.44 1.83 -2.28
CA PHE B 52 -8.06 0.58 -1.83
C PHE B 52 -7.35 -0.08 -0.66
N SER B 53 -8.14 -0.80 0.14
CA SER B 53 -7.60 -1.72 1.14
CA SER B 53 -7.61 -1.72 1.13
C SER B 53 -8.46 -2.98 1.06
N PHE B 54 -7.79 -4.14 0.94
CA PHE B 54 -8.45 -5.44 0.89
C PHE B 54 -7.97 -6.23 2.10
N ASN B 55 -8.87 -6.56 3.02
CA ASN B 55 -8.49 -7.26 4.26
C ASN B 55 -9.21 -8.59 4.41
N SER B 56 -8.46 -9.69 4.50
CA SER B 56 -9.04 -11.04 4.60
CA SER B 56 -9.07 -11.02 4.60
C SER B 56 -8.96 -11.60 6.01
N PHE B 57 -9.89 -12.49 6.35
CA PHE B 57 -9.99 -13.04 7.68
C PHE B 57 -10.40 -14.52 7.62
N HIS B 58 -9.95 -15.29 8.59
CA HIS B 58 -10.38 -16.69 8.70
C HIS B 58 -11.88 -16.74 8.99
N PRO B 59 -12.64 -17.59 8.26
CA PRO B 59 -14.09 -17.63 8.45
C PRO B 59 -14.54 -18.10 9.84
N ASP B 60 -13.74 -18.93 10.50
CA ASP B 60 -14.16 -19.53 11.77
C ASP B 60 -13.77 -18.72 12.98
N THR B 61 -12.59 -18.08 12.91
CA THR B 61 -12.03 -17.37 14.05
C THR B 61 -11.99 -15.84 13.83
N ARG B 62 -12.10 -15.42 12.58
CA ARG B 62 -11.91 -14.02 12.18
C ARG B 62 -10.49 -13.51 12.41
N LYS B 63 -9.56 -14.42 12.55
CA LYS B 63 -8.16 -14.03 12.61
C LYS B 63 -7.74 -13.37 11.28
N PRO B 64 -7.07 -12.21 11.37
CA PRO B 64 -6.57 -11.53 10.17
C PRO B 64 -5.67 -12.43 9.34
N HIS B 66 -4.46 -12.44 4.88
CA HIS B 66 -3.85 -11.55 3.87
C HIS B 66 -4.40 -10.11 3.99
N ARG B 67 -3.53 -9.12 3.77
CA ARG B 67 -3.93 -7.73 3.73
C ARG B 67 -3.12 -7.03 2.65
N GLU B 68 -3.78 -6.19 1.87
CA GLU B 68 -3.05 -5.35 0.93
C GLU B 68 -3.72 -3.98 0.78
N CYS B 69 -2.97 -3.02 0.26
CA CYS B 69 -3.52 -1.68 0.09
C CYS B 69 -2.78 -1.03 -1.04
N GLY B 70 -3.36 0.00 -1.66
CA GLY B 70 -2.66 0.65 -2.77
C GLY B 70 -3.60 1.55 -3.54
N PHE B 71 -3.33 1.69 -4.83
CA PHE B 71 -3.97 2.75 -5.64
C PHE B 71 -4.26 2.21 -7.02
N ILE B 72 -5.33 2.71 -7.64
CA ILE B 72 -5.70 2.32 -9.01
C ILE B 72 -5.84 3.60 -9.81
N ARG B 73 -4.94 3.80 -10.78
CA ARG B 73 -4.86 5.06 -11.55
C ARG B 73 -5.26 4.82 -13.01
N LEU B 74 -5.96 5.77 -13.61
CA LEU B 74 -6.33 5.71 -15.03
C LEU B 74 -5.40 6.63 -15.80
N LYS B 75 -4.92 6.19 -16.96
CA LYS B 75 -4.18 7.08 -17.84
C LYS B 75 -5.20 8.01 -18.49
N PRO B 76 -5.03 9.32 -18.32
CA PRO B 76 -6.09 10.24 -18.76
C PRO B 76 -6.41 10.05 -20.24
N ASP B 77 -7.69 10.14 -20.58
CA ASP B 77 -8.17 10.03 -21.96
C ASP B 77 -7.95 8.66 -22.61
N THR B 78 -7.90 7.61 -21.77
CA THR B 78 -7.74 6.24 -22.26
C THR B 78 -8.51 5.32 -21.32
N ASN B 79 -8.62 4.06 -21.71
CA ASN B 79 -9.14 3.04 -20.80
C ASN B 79 -8.01 2.28 -20.13
N LYS B 80 -6.79 2.80 -20.20
CA LYS B 80 -5.63 2.11 -19.64
C LYS B 80 -5.54 2.35 -18.13
N VAL B 81 -5.23 1.32 -17.38
CA VAL B 81 -5.29 1.40 -15.94
C VAL B 81 -4.02 0.83 -15.33
N ALA B 82 -3.56 1.42 -14.22
CA ALA B 82 -2.39 0.91 -13.52
C ALA B 82 -2.77 0.72 -12.06
N PHE B 83 -2.30 -0.38 -11.49
CA PHE B 83 -2.67 -0.80 -10.16
C PHE B 83 -1.37 -1.02 -9.37
N VAL B 84 -1.27 -0.45 -8.18
CA VAL B 84 -0.10 -0.67 -7.34
C VAL B 84 -0.59 -1.17 -5.98
N SER B 85 0.13 -2.14 -5.46
CA SER B 85 -0.27 -2.78 -4.21
C SER B 85 0.95 -3.08 -3.33
N ALA B 86 0.77 -2.92 -2.02
CA ALA B 86 1.73 -3.44 -1.03
C ALA B 86 0.94 -4.47 -0.24
N GLN B 87 1.56 -5.63 0.01
CA GLN B 87 0.89 -6.77 0.65
C GLN B 87 1.61 -7.18 1.93
N ASN B 88 0.87 -7.70 2.90
CA ASN B 88 1.44 -7.89 4.22
C ASN B 88 2.43 -9.07 4.28
N THR B 89 2.55 -9.79 3.18
CA THR B 89 3.57 -10.81 3.01
C THR B 89 4.96 -10.17 2.80
N GLY B 90 4.98 -8.86 2.62
CA GLY B 90 6.22 -8.16 2.32
C GLY B 90 6.46 -8.17 0.83
N VAL B 91 5.39 -8.10 0.05
CA VAL B 91 5.48 -8.12 -1.41
C VAL B 91 4.86 -6.83 -1.95
N VAL B 92 5.46 -6.25 -2.99
CA VAL B 92 4.83 -5.12 -3.70
C VAL B 92 4.72 -5.46 -5.19
N GLU B 93 3.74 -4.89 -5.88
CA GLU B 93 3.54 -5.18 -7.30
C GLU B 93 2.97 -4.01 -8.06
N VAL B 94 3.25 -3.97 -9.37
CA VAL B 94 2.65 -3.00 -10.26
C VAL B 94 1.99 -3.80 -11.38
N GLU B 95 0.69 -3.58 -11.57
CA GLU B 95 -0.05 -4.26 -12.62
C GLU B 95 -0.68 -3.23 -13.53
N GLU B 96 -0.78 -3.55 -14.81
CA GLU B 96 -1.46 -2.65 -15.73
C GLU B 96 -2.33 -3.43 -16.67
N GLY B 97 -3.29 -2.74 -17.27
CA GLY B 97 -4.29 -3.38 -18.09
C GLY B 97 -5.28 -2.36 -18.57
N GLU B 98 -6.54 -2.77 -18.72
CA GLU B 98 -7.55 -1.81 -19.15
C GLU B 98 -8.93 -2.12 -18.61
N VAL B 99 -9.79 -1.12 -18.67
CA VAL B 99 -11.18 -1.29 -18.26
C VAL B 99 -12.04 -1.21 -19.51
N ASN B 100 -12.93 -2.17 -19.66
CA ASN B 100 -13.93 -2.13 -20.73
C ASN B 100 -15.28 -2.39 -20.10
N GLY B 101 -16.17 -1.42 -20.20
CA GLY B 101 -17.44 -1.50 -19.49
C GLY B 101 -17.16 -1.57 -18.01
N GLN B 102 -17.80 -2.52 -17.33
CA GLN B 102 -17.59 -2.67 -15.90
C GLN B 102 -16.70 -3.90 -15.62
N GLU B 103 -15.62 -4.01 -16.38
CA GLU B 103 -14.64 -5.06 -16.16
C GLU B 103 -13.23 -4.48 -16.36
N LEU B 104 -12.37 -4.77 -15.38
CA LEU B 104 -10.97 -4.35 -15.36
C LEU B 104 -10.13 -5.60 -15.39
N CYS B 105 -9.16 -5.64 -16.32
CA CYS B 105 -8.26 -6.76 -16.45
CA CYS B 105 -8.25 -6.76 -16.47
C CYS B 105 -6.84 -6.23 -16.39
N ILE B 106 -6.09 -6.67 -15.39
CA ILE B 106 -4.72 -6.17 -15.20
C ILE B 106 -3.75 -7.33 -14.97
N ALA B 107 -2.49 -7.10 -15.29
CA ALA B 107 -1.45 -8.11 -15.09
C ALA B 107 -0.17 -7.43 -14.62
N SER B 108 0.54 -8.11 -13.73
CA SER B 108 1.76 -7.54 -13.14
C SER B 108 2.85 -7.42 -14.19
N HIS B 109 3.64 -6.36 -14.10
CA HIS B 109 4.89 -6.31 -14.83
C HIS B 109 6.11 -6.23 -13.93
N SER B 110 5.90 -5.88 -12.66
CA SER B 110 6.99 -5.71 -11.73
C SER B 110 6.51 -6.20 -10.38
N ILE B 111 7.33 -7.02 -9.74
CA ILE B 111 7.07 -7.54 -8.41
C ILE B 111 8.37 -7.47 -7.64
N ALA B 112 8.31 -7.06 -6.37
CA ALA B 112 9.49 -7.04 -5.52
C ALA B 112 9.09 -7.48 -4.12
N ARG B 113 10.07 -7.84 -3.30
CA ARG B 113 9.77 -8.47 -2.03
C ARG B 113 10.87 -8.24 -1.03
N ILE B 114 10.51 -8.42 0.24
CA ILE B 114 11.46 -8.32 1.33
C ILE B 114 12.38 -9.54 1.32
N SER B 115 13.59 -9.35 1.83
CA SER B 115 14.61 -10.39 1.76
C SER B 115 14.24 -11.64 2.52
N PHE B 116 13.35 -11.54 3.51
CA PHE B 116 12.92 -12.74 4.24
C PHE B 116 11.49 -13.18 3.95
N ALA B 117 11.03 -12.86 2.74
CA ALA B 117 9.68 -13.23 2.33
C ALA B 117 9.62 -14.76 2.28
N LYS B 118 8.45 -15.32 2.57
CA LYS B 118 8.28 -16.76 2.58
C LYS B 118 8.21 -17.34 1.16
N GLU B 119 8.85 -18.49 0.97
CA GLU B 119 8.79 -19.19 -0.31
C GLU B 119 7.57 -20.11 -0.37
N PRO B 120 7.07 -20.38 -1.59
CA PRO B 120 7.59 -19.95 -2.88
C PRO B 120 7.17 -18.51 -3.19
N HIS B 121 8.02 -17.82 -3.96
CA HIS B 121 7.74 -16.44 -4.33
C HIS B 121 6.83 -16.35 -5.52
N VAL B 122 5.87 -15.43 -5.45
CA VAL B 122 5.01 -15.15 -6.58
C VAL B 122 5.84 -14.42 -7.66
N GLU B 123 5.67 -14.80 -8.91
CA GLU B 123 6.46 -14.24 -10.01
C GLU B 123 5.62 -13.40 -10.97
N GLN B 124 4.37 -13.78 -11.13
CA GLN B 124 3.46 -13.06 -12.01
C GLN B 124 2.10 -13.14 -11.37
N ILE B 125 1.33 -12.07 -11.50
CA ILE B 125 -0.04 -12.03 -10.99
C ILE B 125 -0.93 -11.43 -12.07
N THR B 126 -2.16 -11.91 -12.17
CA THR B 126 -3.15 -11.21 -12.99
C THR B 126 -4.43 -11.09 -12.17
N ARG B 127 -5.20 -10.03 -12.43
CA ARG B 127 -6.47 -9.85 -11.75
C ARG B 127 -7.59 -9.44 -12.70
N LYS B 128 -8.79 -9.92 -12.41
CA LYS B 128 -9.98 -9.41 -13.07
C LYS B 128 -10.97 -8.94 -12.01
N PHE B 129 -11.41 -7.69 -12.15
CA PHE B 129 -12.50 -7.18 -11.34
C PHE B 129 -13.68 -6.92 -12.26
N ARG B 130 -14.88 -7.23 -11.83
CA ARG B 130 -16.03 -6.91 -12.65
CA ARG B 130 -16.06 -7.00 -12.67
C ARG B 130 -17.28 -6.74 -11.80
N LEU B 131 -18.19 -5.91 -12.28
CA LEU B 131 -19.45 -5.77 -11.58
C LEU B 131 -20.42 -6.65 -12.35
N ASN B 132 -20.99 -7.66 -11.70
CA ASN B 132 -21.86 -8.58 -12.41
C ASN B 132 -23.28 -8.05 -12.54
N SER B 133 -24.15 -8.81 -13.20
CA SER B 133 -25.49 -8.33 -13.47
C SER B 133 -26.36 -8.19 -12.21
N GLU B 134 -25.94 -8.84 -11.12
CA GLU B 134 -26.63 -8.74 -9.82
C GLU B 134 -26.12 -7.58 -8.97
N GLY B 135 -25.24 -6.78 -9.53
CA GLY B 135 -24.72 -5.64 -8.79
C GLY B 135 -23.61 -6.00 -7.80
N LYS B 136 -23.08 -7.21 -7.90
CA LYS B 136 -21.99 -7.65 -7.03
CA LYS B 136 -21.98 -7.63 -7.03
C LYS B 136 -20.62 -7.46 -7.69
N LEU B 137 -19.62 -7.15 -6.89
CA LEU B 137 -18.27 -6.98 -7.39
C LEU B 137 -17.65 -8.37 -7.38
N GLU B 138 -16.86 -8.67 -8.40
CA GLU B 138 -16.16 -9.96 -8.47
C GLU B 138 -14.68 -9.71 -8.64
N GLN B 139 -13.87 -10.45 -7.90
CA GLN B 139 -12.42 -10.44 -8.15
C GLN B 139 -11.91 -11.86 -8.39
N THR B 140 -11.11 -12.01 -9.44
CA THR B 140 -10.44 -13.28 -9.70
C THR B 140 -8.96 -12.99 -9.84
N VAL B 141 -8.16 -13.68 -9.05
CA VAL B 141 -6.72 -13.47 -9.04
C VAL B 141 -6.02 -14.77 -9.44
N SER B 142 -5.12 -14.68 -10.41
CA SER B 142 -4.34 -15.84 -10.79
C SER B 142 -2.88 -15.46 -10.56
N ALA B 144 1.49 -17.01 -11.01
CA ALA B 144 2.51 -18.02 -11.28
C ALA B 144 3.56 -17.85 -10.21
N THR B 145 4.06 -18.96 -9.69
CA THR B 145 5.18 -18.91 -8.77
C THR B 145 6.45 -19.40 -9.47
N THR B 146 7.53 -19.51 -8.72
CA THR B 146 8.80 -19.98 -9.25
C THR B 146 8.60 -21.31 -9.98
N THR B 147 7.68 -22.13 -9.47
CA THR B 147 7.51 -23.51 -9.94
C THR B 147 6.15 -23.84 -10.59
N GLN B 148 5.14 -23.02 -10.33
CA GLN B 148 3.81 -23.27 -10.91
CA GLN B 148 3.81 -23.27 -10.88
C GLN B 148 3.45 -22.19 -11.90
N PRO B 149 3.09 -22.60 -13.13
CA PRO B 149 2.67 -21.69 -14.20
C PRO B 149 1.35 -21.00 -13.85
N THR B 151 -2.00 -19.79 -12.88
CA THR B 151 -3.29 -20.41 -12.65
C THR B 151 -4.04 -19.73 -11.49
N GLN B 152 -5.35 -19.94 -11.43
CA GLN B 152 -6.16 -19.24 -10.44
C GLN B 152 -5.77 -19.52 -8.99
N HIS B 153 -5.82 -18.48 -8.17
CA HIS B 153 -5.60 -18.61 -6.75
C HIS B 153 -6.84 -18.20 -5.96
N LEU B 154 -7.52 -17.12 -6.39
CA LEU B 154 -8.65 -16.59 -5.66
C LEU B 154 -9.81 -16.28 -6.57
N HIS B 155 -11.01 -16.53 -6.06
CA HIS B 155 -12.22 -16.00 -6.68
C HIS B 155 -13.21 -15.64 -5.60
N VAL B 156 -13.75 -14.42 -5.65
CA VAL B 156 -14.68 -13.98 -4.63
C VAL B 156 -15.69 -13.00 -5.23
N THR B 157 -16.92 -13.05 -4.74
CA THR B 157 -17.90 -12.04 -5.11
C THR B 157 -18.27 -11.30 -3.82
N TYR B 158 -18.51 -10.00 -3.93
CA TYR B 158 -18.78 -9.22 -2.74
C TYR B 158 -20.11 -8.49 -2.88
N LYS B 159 -20.82 -8.36 -1.77
CA LYS B 159 -22.00 -7.51 -1.72
C LYS B 159 -21.59 -6.12 -1.25
N LYS B 160 -22.24 -5.10 -1.79
CA LYS B 160 -21.98 -3.74 -1.39
C LYS B 160 -22.64 -3.50 -0.04
N VAL B 161 -21.88 -2.97 0.90
CA VAL B 161 -22.40 -2.70 2.23
C VAL B 161 -22.39 -1.20 2.57
N THR B 162 -21.55 -0.44 1.88
CA THR B 162 -21.45 1.00 2.13
C THR B 162 -20.88 1.74 0.91
#